data_8RR2
#
_entry.id   8RR2
#
_cell.length_a   76.270
_cell.length_b   79.880
_cell.length_c   103.820
_cell.angle_alpha   90.000
_cell.angle_beta   90.000
_cell.angle_gamma   90.000
#
_symmetry.space_group_name_H-M   'P 21 21 21'
#
loop_
_entity.id
_entity.type
_entity.pdbx_description
1 polymer '3-keto-disaccharide hydrolase domain-containing protein'
2 non-polymer GLYCEROL
3 non-polymer 1,2-ETHANEDIOL
4 non-polymer 'CALCIUM ION'
5 non-polymer (2~{R},3~{R},5~{S},6~{S})-2-(hydroxymethyl)-3,5,6-tris(oxidanyl)oxan-4-one
6 water water
#
_entity_poly.entity_id   1
_entity_poly.type   'polypeptide(L)'
_entity_poly.pdbx_seq_one_letter_code
;MGSAQEEQSANEVAVSYSKSLKAAEMDSLQLPVDADGYITIFDGKTFNGWRGYGKDRVPSKWTIEDGCIKFNGSGGGEAQ
DGDGGDLIFAHKFKNFELEMEWKVSKGGNSGIFYLAQEVTSKDKDGNDVLEPIYISAPEYQVLDNDNHPDAKLGKDNNRQ
SASLYDMIPAVPQNAKPFGEWNKAKIMVYKGTVVHGQNDENVLEYHLWTKQWTDLLQASKFSQDKWPLAFELLNNCGGEN
HEGFIGMQDHGDDVWFRNIRVKVLDAAALEHHHHHH
;
_entity_poly.pdbx_strand_id   A,B
#
loop_
_chem_comp.id
_chem_comp.type
_chem_comp.name
_chem_comp.formula
A1H2X non-polymer (2~{R},3~{R},5~{S},6~{S})-2-(hydroxymethyl)-3,5,6-tris(oxidanyl)oxan-4-one 'C6 H10 O6'
CA non-polymer 'CALCIUM ION' 'Ca 2'
EDO non-polymer 1,2-ETHANEDIOL 'C2 H6 O2'
GOL non-polymer GLYCEROL 'C3 H8 O3'
#
# COMPACT_ATOMS: atom_id res chain seq x y z
N ASN A 11 3.60 -13.86 26.65
CA ASN A 11 3.00 -13.18 27.79
C ASN A 11 3.09 -11.66 27.64
N GLU A 12 4.32 -11.14 27.64
CA GLU A 12 4.56 -9.69 27.68
C GLU A 12 5.74 -9.33 26.80
N VAL A 13 5.80 -8.07 26.40
CA VAL A 13 6.86 -7.60 25.51
C VAL A 13 7.24 -6.19 25.92
N ALA A 14 8.53 -5.87 25.78
CA ALA A 14 9.04 -4.53 26.08
C ALA A 14 8.71 -3.57 24.94
N VAL A 15 8.13 -2.41 25.28
CA VAL A 15 7.74 -1.42 24.29
C VAL A 15 8.34 -0.08 24.69
N SER A 16 9.24 0.46 23.87
CA SER A 16 9.90 1.72 24.24
C SER A 16 8.94 2.89 24.05
N TYR A 17 9.10 3.94 24.86
CA TYR A 17 8.28 5.14 24.71
C TYR A 17 9.11 6.39 25.07
N SER A 18 8.70 7.54 24.51
CA SER A 18 9.32 8.84 24.80
C SER A 18 8.51 9.63 25.82
N LYS A 19 9.20 10.50 26.56
CA LYS A 19 8.55 11.21 27.66
C LYS A 19 8.19 12.65 27.36
N SER A 20 8.73 13.25 26.29
CA SER A 20 8.48 14.67 26.05
C SER A 20 8.74 14.96 24.57
N LEU A 21 8.50 16.22 24.19
CA LEU A 21 8.54 16.66 22.81
C LEU A 21 9.82 16.23 22.11
N LYS A 22 9.68 15.38 21.07
CA LYS A 22 10.78 14.94 20.21
C LYS A 22 11.88 14.19 20.94
N ALA A 23 11.62 13.68 22.16
CA ALA A 23 12.65 12.95 22.90
C ALA A 23 12.85 11.53 22.37
N ALA A 24 14.02 10.95 22.70
CA ALA A 24 14.26 9.55 22.36
C ALA A 24 13.39 8.63 23.20
N GLU A 25 13.15 7.42 22.68
CA GLU A 25 12.38 6.42 23.43
C GLU A 25 13.36 5.62 24.27
N MET A 26 13.79 6.21 25.38
CA MET A 26 14.80 5.61 26.25
C MET A 26 14.22 4.85 27.44
N ASP A 27 12.90 4.79 27.61
CA ASP A 27 12.28 3.97 28.65
C ASP A 27 11.36 2.96 27.99
N SER A 28 11.04 1.88 28.69
CA SER A 28 10.18 0.84 28.12
CA SER A 28 10.16 0.87 28.11
C SER A 28 9.14 0.40 29.14
N LEU A 29 8.00 -0.07 28.62
CA LEU A 29 6.95 -0.69 29.40
C LEU A 29 6.87 -2.16 29.04
N GLN A 30 6.50 -3.00 30.01
CA GLN A 30 6.18 -4.39 29.75
C GLN A 30 4.68 -4.46 29.48
N LEU A 31 4.32 -4.81 28.26
CA LEU A 31 2.90 -4.80 27.91
C LEU A 31 2.43 -6.20 27.48
N PRO A 32 1.17 -6.54 27.77
CA PRO A 32 0.64 -7.85 27.38
C PRO A 32 0.56 -7.99 25.88
N VAL A 33 0.86 -9.20 25.40
CA VAL A 33 0.67 -9.54 24.00
C VAL A 33 -0.11 -10.83 23.94
N ASP A 34 -1.12 -10.90 23.07
CA ASP A 34 -1.93 -12.10 22.99
C ASP A 34 -1.33 -13.09 21.98
N ALA A 35 -2.02 -14.21 21.76
CA ALA A 35 -1.47 -15.27 20.91
C ALA A 35 -1.44 -14.87 19.44
N ASP A 36 -2.23 -13.88 19.03
CA ASP A 36 -2.18 -13.37 17.67
C ASP A 36 -1.17 -12.25 17.49
N GLY A 37 -0.47 -11.86 18.55
CA GLY A 37 0.54 -10.83 18.44
C GLY A 37 0.04 -9.43 18.71
N TYR A 38 -1.22 -9.25 19.09
CA TYR A 38 -1.67 -7.90 19.43
C TYR A 38 -1.20 -7.48 20.82
N ILE A 39 -0.57 -6.30 20.88
CA ILE A 39 -0.11 -5.73 22.14
C ILE A 39 -1.19 -4.80 22.67
N THR A 40 -1.56 -4.97 23.94
CA THR A 40 -2.51 -4.07 24.57
C THR A 40 -1.77 -2.85 25.08
N ILE A 41 -2.06 -1.69 24.47
CA ILE A 41 -1.30 -0.47 24.77
C ILE A 41 -2.03 0.47 25.71
N PHE A 42 -3.30 0.21 26.00
CA PHE A 42 -4.04 0.89 27.06
C PHE A 42 -4.52 -0.17 28.04
N ASP A 43 -4.13 -0.03 29.31
CA ASP A 43 -4.36 -1.09 30.29
C ASP A 43 -5.67 -0.91 31.06
N GLY A 44 -6.49 0.07 30.69
CA GLY A 44 -7.75 0.28 31.38
C GLY A 44 -7.66 1.06 32.67
N LYS A 45 -6.46 1.33 33.19
CA LYS A 45 -6.27 1.91 34.52
C LYS A 45 -5.32 3.09 34.56
N THR A 46 -4.28 3.10 33.70
CA THR A 46 -3.29 4.17 33.72
C THR A 46 -3.05 4.72 32.32
N PHE A 47 -2.33 5.86 32.26
CA PHE A 47 -1.89 6.42 30.99
C PHE A 47 -0.42 6.09 30.68
N ASN A 48 0.12 5.01 31.26
CA ASN A 48 1.52 4.67 31.05
C ASN A 48 1.88 4.61 29.55
N GLY A 49 2.88 5.41 29.15
CA GLY A 49 3.33 5.49 27.78
C GLY A 49 2.58 6.49 26.92
N TRP A 50 1.50 7.05 27.44
CA TRP A 50 0.72 8.05 26.75
C TRP A 50 1.11 9.45 27.24
N ARG A 51 1.02 10.43 26.35
CA ARG A 51 1.23 11.82 26.75
C ARG A 51 0.56 12.73 25.73
N GLY A 52 0.35 13.99 26.10
CA GLY A 52 -0.18 14.94 25.13
C GLY A 52 0.80 15.11 23.98
N TYR A 53 0.25 15.26 22.78
CA TYR A 53 1.05 15.69 21.62
C TYR A 53 1.77 17.01 21.98
N GLY A 54 3.08 17.02 21.83
CA GLY A 54 3.91 18.17 22.13
C GLY A 54 4.16 18.39 23.61
N LYS A 55 3.70 17.48 24.47
CA LYS A 55 3.73 17.68 25.92
C LYS A 55 4.50 16.57 26.61
N ASP A 56 4.74 16.73 27.91
CA ASP A 56 5.45 15.70 28.69
C ASP A 56 4.50 15.15 29.74
N ARG A 57 3.22 15.27 29.48
CA ARG A 57 2.20 14.82 30.44
C ARG A 57 0.87 14.64 29.70
N VAL A 58 -0.05 13.95 30.34
CA VAL A 58 -1.40 13.79 29.76
C VAL A 58 -2.24 15.01 30.17
N PRO A 59 -2.82 15.74 29.19
CA PRO A 59 -3.69 16.86 29.52
C PRO A 59 -4.81 16.41 30.48
N SER A 60 -5.20 17.28 31.40
CA SER A 60 -6.19 16.82 32.38
C SER A 60 -7.58 16.63 31.80
N LYS A 61 -7.88 17.15 30.61
CA LYS A 61 -9.18 16.85 30.01
C LYS A 61 -9.27 15.40 29.51
N TRP A 62 -8.15 14.68 29.46
CA TRP A 62 -8.18 13.26 29.14
C TRP A 62 -8.20 12.50 30.46
N THR A 63 -9.23 11.68 30.67
CA THR A 63 -9.34 10.90 31.89
C THR A 63 -9.60 9.44 31.57
N ILE A 64 -9.60 8.63 32.62
CA ILE A 64 -9.93 7.21 32.51
C ILE A 64 -11.25 6.99 33.22
N GLU A 65 -12.21 6.45 32.49
CA GLU A 65 -13.60 6.35 32.92
C GLU A 65 -14.08 4.96 32.53
N ASP A 66 -14.31 4.10 33.52
CA ASP A 66 -14.86 2.75 33.29
C ASP A 66 -14.04 1.97 32.25
N GLY A 67 -12.71 1.97 32.45
CA GLY A 67 -11.86 1.20 31.55
C GLY A 67 -11.70 1.79 30.16
N CYS A 68 -12.11 3.05 29.95
CA CYS A 68 -11.98 3.76 28.68
C CYS A 68 -11.07 4.97 28.85
N ILE A 69 -10.44 5.38 27.75
CA ILE A 69 -9.83 6.71 27.67
C ILE A 69 -10.94 7.65 27.26
N LYS A 70 -11.18 8.70 28.04
CA LYS A 70 -12.26 9.62 27.75
C LYS A 70 -11.68 11.00 27.56
N PHE A 71 -12.15 11.70 26.53
CA PHE A 71 -11.85 13.12 26.39
C PHE A 71 -13.06 13.90 26.84
N ASN A 72 -12.84 14.91 27.69
CA ASN A 72 -13.91 15.69 28.30
C ASN A 72 -13.94 17.04 27.60
N GLY A 73 -14.87 17.18 26.65
CA GLY A 73 -14.86 18.33 25.78
C GLY A 73 -15.70 19.48 26.30
N SER A 74 -15.26 20.70 26.01
CA SER A 74 -16.00 21.90 26.36
CA SER A 74 -15.99 21.91 26.36
C SER A 74 -16.81 22.47 25.20
N GLY A 75 -16.74 21.86 24.01
CA GLY A 75 -17.53 22.32 22.90
C GLY A 75 -16.91 23.36 21.98
N GLY A 76 -15.60 23.52 22.00
CA GLY A 76 -14.93 24.54 21.20
C GLY A 76 -14.31 24.10 19.90
N GLY A 77 -14.58 22.87 19.43
CA GLY A 77 -14.07 22.44 18.14
C GLY A 77 -12.56 22.38 18.08
N GLU A 78 -11.98 23.08 17.12
CA GLU A 78 -10.51 23.11 16.97
C GLU A 78 -9.82 23.94 18.03
N ALA A 79 -10.56 24.60 18.93
CA ALA A 79 -9.95 25.58 19.83
C ALA A 79 -8.92 24.96 20.78
N GLN A 80 -9.18 23.75 21.25
CA GLN A 80 -8.31 23.08 22.22
C GLN A 80 -8.04 24.00 23.44
N ASP A 81 -9.12 24.55 23.99
CA ASP A 81 -9.05 25.41 25.15
C ASP A 81 -8.90 24.59 26.42
N GLY A 82 -8.54 25.27 27.52
CA GLY A 82 -8.32 24.54 28.75
C GLY A 82 -7.09 23.64 28.66
N ASP A 83 -7.09 22.63 29.52
CA ASP A 83 -5.98 21.69 29.58
C ASP A 83 -6.30 20.53 28.64
N GLY A 84 -6.30 20.84 27.34
CA GLY A 84 -6.64 19.85 26.31
C GLY A 84 -5.48 19.59 25.38
N GLY A 85 -5.77 19.37 24.11
CA GLY A 85 -4.77 18.97 23.14
C GLY A 85 -4.88 17.50 22.81
N ASP A 86 -4.31 17.13 21.68
CA ASP A 86 -4.37 15.75 21.23
C ASP A 86 -3.46 14.86 22.08
N LEU A 87 -3.82 13.56 22.13
CA LEU A 87 -3.15 12.56 22.94
C LEU A 87 -2.43 11.58 22.02
N ILE A 88 -1.19 11.23 22.37
CA ILE A 88 -0.48 10.19 21.62
C ILE A 88 -0.01 9.08 22.54
N PHE A 89 0.08 7.86 21.99
CA PHE A 89 0.86 6.80 22.61
C PHE A 89 2.28 6.93 22.08
N ALA A 90 3.25 7.19 22.96
CA ALA A 90 4.53 7.76 22.55
C ALA A 90 5.55 6.71 22.12
N HIS A 91 5.13 5.84 21.21
CA HIS A 91 5.99 4.85 20.58
C HIS A 91 5.76 4.94 19.09
N LYS A 92 6.83 5.16 18.32
CA LYS A 92 6.69 5.23 16.87
C LYS A 92 6.54 3.82 16.30
N PHE A 93 5.44 3.61 15.57
CA PHE A 93 5.18 2.38 14.83
C PHE A 93 5.40 2.62 13.34
N LYS A 94 5.81 1.56 12.64
CA LYS A 94 6.06 1.62 11.20
C LYS A 94 5.09 0.74 10.43
N ASN A 95 5.19 -0.59 10.56
CA ASN A 95 4.25 -1.55 9.95
C ASN A 95 3.43 -2.18 11.06
N PHE A 96 2.13 -1.97 11.06
CA PHE A 96 1.35 -2.28 12.25
C PHE A 96 -0.11 -2.40 11.88
N GLU A 97 -0.86 -3.06 12.75
CA GLU A 97 -2.32 -3.02 12.66
C GLU A 97 -2.87 -2.60 14.01
N LEU A 98 -3.63 -1.51 14.01
CA LEU A 98 -4.27 -0.97 15.19
C LEU A 98 -5.73 -1.39 15.20
N GLU A 99 -6.21 -1.85 16.37
CA GLU A 99 -7.61 -2.16 16.58
C GLU A 99 -8.04 -1.46 17.86
N MET A 100 -9.19 -0.79 17.82
CA MET A 100 -9.70 -0.14 19.02
C MET A 100 -11.18 0.10 18.84
N GLU A 101 -11.87 0.36 19.94
CA GLU A 101 -13.29 0.69 19.91
C GLU A 101 -13.46 2.17 20.27
N TRP A 102 -14.43 2.82 19.62
CA TRP A 102 -14.68 4.23 19.88
C TRP A 102 -16.17 4.45 19.96
N LYS A 103 -16.53 5.44 20.77
CA LYS A 103 -17.92 5.82 20.96
C LYS A 103 -17.95 7.33 21.08
N VAL A 104 -18.82 7.99 20.29
CA VAL A 104 -18.85 9.44 20.31
C VAL A 104 -20.16 9.91 20.94
N SER A 105 -20.09 11.07 21.60
CA SER A 105 -21.28 11.76 22.09
C SER A 105 -22.10 12.27 20.91
N LYS A 106 -23.36 12.59 21.18
CA LYS A 106 -24.23 13.10 20.12
C LYS A 106 -23.65 14.37 19.50
N GLY A 107 -23.64 14.43 18.16
CA GLY A 107 -23.06 15.59 17.49
C GLY A 107 -21.57 15.73 17.67
N GLY A 108 -20.88 14.66 18.08
CA GLY A 108 -19.47 14.77 18.43
C GLY A 108 -18.49 14.49 17.26
N ASN A 109 -17.23 14.89 17.47
CA ASN A 109 -16.16 14.77 16.47
C ASN A 109 -14.88 14.48 17.23
N SER A 110 -14.10 13.51 16.74
CA SER A 110 -12.72 13.29 17.20
C SER A 110 -11.98 12.64 16.03
N GLY A 111 -10.97 11.85 16.28
CA GLY A 111 -10.26 11.22 15.18
C GLY A 111 -9.17 10.34 15.75
N ILE A 112 -8.74 9.38 14.94
CA ILE A 112 -7.61 8.52 15.30
C ILE A 112 -6.49 8.84 14.34
N PHE A 113 -5.36 9.32 14.86
CA PHE A 113 -4.23 9.68 14.03
C PHE A 113 -3.23 8.56 13.96
N TYR A 114 -2.46 8.51 12.87
CA TYR A 114 -1.42 7.51 12.75
C TYR A 114 -0.27 8.08 11.95
N LEU A 115 0.92 7.49 12.14
CA LEU A 115 2.15 7.98 11.52
C LEU A 115 2.43 9.44 11.89
N ALA A 116 1.97 9.88 13.07
CA ALA A 116 2.11 11.28 13.48
C ALA A 116 3.55 11.63 13.83
N GLN A 117 3.92 12.87 13.53
CA GLN A 117 5.20 13.44 13.90
C GLN A 117 4.92 14.65 14.78
N GLU A 118 5.80 14.86 15.75
CA GLU A 118 5.75 16.09 16.53
C GLU A 118 6.55 17.14 15.77
N VAL A 119 5.87 18.16 15.25
CA VAL A 119 6.49 19.10 14.32
C VAL A 119 6.44 20.51 14.91
N THR A 120 7.57 21.20 14.88
CA THR A 120 7.58 22.61 15.22
C THR A 120 8.06 23.39 14.00
N SER A 121 7.58 24.61 13.86
CA SER A 121 8.14 25.51 12.87
C SER A 121 8.74 26.70 13.62
N LYS A 122 9.35 27.63 12.88
CA LYS A 122 9.92 28.86 13.43
C LYS A 122 9.09 30.05 12.98
N ASP A 123 8.87 31.01 13.87
CA ASP A 123 8.14 32.20 13.44
C ASP A 123 9.15 33.23 12.94
N LYS A 124 8.70 34.46 12.67
CA LYS A 124 9.56 35.50 12.08
C LYS A 124 10.73 35.86 12.97
N ASP A 125 10.56 35.77 14.29
CA ASP A 125 11.63 36.11 15.22
C ASP A 125 12.44 34.90 15.64
N GLY A 126 12.20 33.73 15.07
CA GLY A 126 12.94 32.55 15.46
C GLY A 126 12.37 31.77 16.62
N ASN A 127 11.17 32.08 17.09
CA ASN A 127 10.57 31.30 18.16
C ASN A 127 9.97 30.01 17.59
N ASP A 128 9.78 29.01 18.45
CA ASP A 128 9.17 27.74 18.04
C ASP A 128 7.65 27.88 17.99
N VAL A 129 7.02 27.24 17.00
CA VAL A 129 5.57 27.17 16.90
C VAL A 129 5.24 25.69 16.76
N LEU A 130 4.51 25.14 17.72
CA LEU A 130 4.06 23.76 17.60
C LEU A 130 2.97 23.66 16.54
N GLU A 131 3.14 22.76 15.59
CA GLU A 131 2.20 22.63 14.49
C GLU A 131 1.15 21.55 14.82
N PRO A 132 -0.04 21.65 14.22
CA PRO A 132 -1.09 20.67 14.53
C PRO A 132 -0.65 19.25 14.18
N ILE A 133 -1.07 18.29 15.00
CA ILE A 133 -0.76 16.89 14.70
C ILE A 133 -1.28 16.50 13.32
N TYR A 134 -2.39 17.08 12.87
CA TYR A 134 -2.99 16.58 11.64
C TYR A 134 -2.35 17.11 10.38
N ILE A 135 -1.34 17.98 10.45
CA ILE A 135 -0.59 18.32 9.23
C ILE A 135 0.54 17.35 8.97
N SER A 136 0.82 16.42 9.90
CA SER A 136 1.71 15.30 9.60
C SER A 136 1.00 13.96 9.59
N ALA A 137 -0.13 13.84 10.29
CA ALA A 137 -0.74 12.53 10.55
C ALA A 137 -2.03 12.36 9.76
N PRO A 138 -2.11 11.36 8.87
CA PRO A 138 -3.41 10.95 8.35
C PRO A 138 -4.38 10.74 9.49
N GLU A 139 -5.64 11.05 9.24
CA GLU A 139 -6.65 10.95 10.28
C GLU A 139 -7.76 9.99 9.85
N TYR A 140 -8.06 9.03 10.71
CA TYR A 140 -9.28 8.25 10.61
C TYR A 140 -10.34 9.05 11.35
N GLN A 141 -11.26 9.69 10.61
CA GLN A 141 -12.26 10.54 11.22
C GLN A 141 -13.13 9.74 12.18
N VAL A 142 -13.46 10.36 13.31
CA VAL A 142 -14.42 9.85 14.28
C VAL A 142 -15.55 10.88 14.36
N LEU A 143 -16.79 10.44 14.16
CA LEU A 143 -17.85 11.42 13.95
C LEU A 143 -19.23 10.83 14.23
N ASP A 144 -20.14 11.68 14.71
CA ASP A 144 -21.58 11.37 14.69
C ASP A 144 -22.06 11.83 13.32
N ASN A 145 -22.17 10.88 12.39
CA ASN A 145 -22.53 11.19 11.00
C ASN A 145 -23.94 11.74 10.84
N ASP A 146 -24.83 11.53 11.81
CA ASP A 146 -26.19 12.06 11.70
C ASP A 146 -26.34 13.48 12.19
N ASN A 147 -25.46 13.95 13.08
CA ASN A 147 -25.65 15.27 13.69
C ASN A 147 -24.50 16.26 13.55
N HIS A 148 -23.29 15.81 13.25
CA HIS A 148 -22.23 16.80 13.09
C HIS A 148 -22.19 17.32 11.65
N PRO A 149 -22.07 18.62 11.45
CA PRO A 149 -22.12 19.17 10.08
C PRO A 149 -20.97 18.73 9.18
N ASP A 150 -19.83 18.27 9.72
CA ASP A 150 -18.79 17.66 8.87
C ASP A 150 -19.37 16.60 7.93
N ALA A 151 -20.41 15.92 8.37
CA ALA A 151 -20.97 14.85 7.55
C ALA A 151 -21.51 15.37 6.22
N LYS A 152 -21.83 16.66 6.13
CA LYS A 152 -22.33 17.27 4.90
C LYS A 152 -21.27 18.11 4.19
N LEU A 153 -20.10 18.31 4.78
CA LEU A 153 -19.08 19.16 4.17
C LEU A 153 -18.08 18.31 3.38
N GLY A 154 -17.02 18.95 2.84
CA GLY A 154 -16.11 18.16 2.02
C GLY A 154 -16.76 17.69 0.71
N LYS A 155 -16.30 16.53 0.22
CA LYS A 155 -16.74 15.98 -1.07
C LYS A 155 -17.03 14.49 -0.94
N ASP A 156 -18.18 14.03 -1.44
CA ASP A 156 -18.47 12.59 -1.50
C ASP A 156 -18.40 11.94 -0.13
N ASN A 157 -18.80 12.68 0.92
CA ASN A 157 -18.88 12.14 2.26
C ASN A 157 -17.49 11.81 2.84
N ASN A 158 -16.44 12.49 2.36
CA ASN A 158 -15.09 12.18 2.79
C ASN A 158 -14.74 12.79 4.15
N ARG A 159 -15.71 13.31 4.89
CA ARG A 159 -15.48 13.76 6.27
C ARG A 159 -16.33 12.99 7.27
N GLN A 160 -16.97 11.90 6.84
CA GLN A 160 -17.74 11.09 7.77
C GLN A 160 -16.83 10.06 8.45
N SER A 161 -17.35 9.38 9.47
CA SER A 161 -16.50 8.51 10.27
C SER A 161 -15.82 7.44 9.43
N ALA A 162 -14.59 7.11 9.83
CA ALA A 162 -13.69 6.15 9.21
C ALA A 162 -13.13 6.62 7.87
N SER A 163 -13.51 7.79 7.37
CA SER A 163 -12.83 8.38 6.20
C SER A 163 -11.38 8.67 6.53
N LEU A 164 -10.56 8.68 5.49
CA LEU A 164 -9.29 9.40 5.54
C LEU A 164 -9.71 10.86 5.36
N TYR A 165 -9.68 11.64 6.46
CA TYR A 165 -10.31 12.96 6.50
C TYR A 165 -9.96 13.84 5.30
N ASP A 166 -10.98 14.30 4.59
CA ASP A 166 -10.90 15.21 3.44
C ASP A 166 -10.25 14.59 2.24
N MET A 167 -10.10 13.26 2.19
CA MET A 167 -9.40 12.65 1.07
C MET A 167 -10.14 11.42 0.53
N ILE A 168 -10.57 10.48 1.38
CA ILE A 168 -11.19 9.25 0.88
C ILE A 168 -12.37 8.92 1.78
N PRO A 169 -13.59 8.77 1.24
CA PRO A 169 -14.72 8.38 2.09
C PRO A 169 -14.66 6.92 2.48
N ALA A 170 -15.28 6.61 3.61
CA ALA A 170 -15.51 5.23 4.00
C ALA A 170 -16.67 4.71 3.17
N VAL A 171 -16.44 3.60 2.46
CA VAL A 171 -17.48 2.93 1.68
C VAL A 171 -17.36 1.44 1.95
N PRO A 172 -18.35 0.81 2.60
CA PRO A 172 -19.61 1.40 3.05
C PRO A 172 -19.54 2.24 4.30
N GLN A 173 -20.47 3.19 4.42
CA GLN A 173 -20.58 3.99 5.65
C GLN A 173 -21.45 3.21 6.64
N ASN A 174 -20.81 2.29 7.36
CA ASN A 174 -21.49 1.35 8.26
C ASN A 174 -21.34 1.72 9.73
N ALA A 175 -21.16 3.02 10.04
CA ALA A 175 -20.97 3.44 11.43
C ALA A 175 -22.23 3.14 12.24
N LYS A 176 -22.04 2.82 13.51
CA LYS A 176 -23.20 2.76 14.41
C LYS A 176 -23.58 4.17 14.87
N PRO A 177 -24.81 4.37 15.34
CA PRO A 177 -25.25 5.70 15.81
C PRO A 177 -24.44 6.23 16.99
N PHE A 178 -24.63 7.52 17.30
CA PHE A 178 -23.90 8.11 18.42
C PHE A 178 -24.24 7.36 19.71
N GLY A 179 -23.28 7.34 20.63
CA GLY A 179 -23.47 6.64 21.89
C GLY A 179 -23.34 5.13 21.81
N GLU A 180 -23.10 4.55 20.62
CA GLU A 180 -22.86 3.13 20.44
C GLU A 180 -21.38 2.87 20.12
N TRP A 181 -20.88 1.70 20.52
CA TRP A 181 -19.50 1.37 20.24
C TRP A 181 -19.29 1.01 18.77
N ASN A 182 -18.23 1.56 18.18
CA ASN A 182 -17.78 1.24 16.84
C ASN A 182 -16.40 0.59 16.92
N LYS A 183 -16.10 -0.33 16.00
CA LYS A 183 -14.79 -0.96 15.94
C LYS A 183 -13.98 -0.29 14.84
N ALA A 184 -12.77 0.14 15.16
CA ALA A 184 -11.88 0.74 14.16
C ALA A 184 -10.70 -0.18 13.91
N LYS A 185 -10.26 -0.25 12.66
CA LYS A 185 -9.01 -0.90 12.30
C LYS A 185 -8.24 0.06 11.43
N ILE A 186 -6.96 0.24 11.74
CA ILE A 186 -6.03 0.95 10.87
C ILE A 186 -4.85 0.03 10.66
N MET A 187 -4.61 -0.34 9.42
CA MET A 187 -3.44 -1.16 9.11
C MET A 187 -2.54 -0.37 8.18
N VAL A 188 -1.24 -0.32 8.52
CA VAL A 188 -0.22 0.27 7.66
C VAL A 188 0.79 -0.84 7.45
N TYR A 189 0.91 -1.30 6.22
CA TYR A 189 1.86 -2.38 5.92
C TYR A 189 2.66 -2.01 4.69
N LYS A 190 3.91 -1.60 4.89
CA LYS A 190 4.79 -1.22 3.78
C LYS A 190 4.08 -0.27 2.81
N GLY A 191 3.48 0.79 3.37
CA GLY A 191 2.84 1.79 2.55
C GLY A 191 1.40 1.52 2.16
N THR A 192 0.93 0.28 2.28
CA THR A 192 -0.47 -0.03 2.05
C THR A 192 -1.27 0.28 3.31
N VAL A 193 -2.34 1.06 3.17
CA VAL A 193 -3.13 1.50 4.32
C VAL A 193 -4.55 1.05 4.09
N VAL A 194 -5.15 0.44 5.11
CA VAL A 194 -6.54 0.02 5.07
C VAL A 194 -7.22 0.57 6.32
N HIS A 195 -8.40 1.17 6.16
CA HIS A 195 -9.24 1.52 7.30
C HIS A 195 -10.35 0.50 7.38
N GLY A 196 -10.64 0.03 8.59
CA GLY A 196 -11.77 -0.84 8.82
C GLY A 196 -12.70 -0.14 9.76
N GLN A 197 -14.00 -0.38 9.60
CA GLN A 197 -15.03 0.10 10.52
C GLN A 197 -16.02 -1.04 10.71
N ASN A 198 -16.30 -1.41 11.96
CA ASN A 198 -17.25 -2.47 12.29
C ASN A 198 -17.04 -3.74 11.43
N ASP A 199 -15.79 -4.19 11.39
CA ASP A 199 -15.39 -5.46 10.77
C ASP A 199 -15.57 -5.48 9.27
N GLU A 200 -15.61 -4.34 8.60
CA GLU A 200 -15.53 -4.29 7.14
C GLU A 200 -14.39 -3.37 6.78
N ASN A 201 -13.65 -3.70 5.72
CA ASN A 201 -12.69 -2.75 5.18
C ASN A 201 -13.44 -1.69 4.38
N VAL A 202 -13.20 -0.42 4.68
CA VAL A 202 -13.98 0.66 4.08
C VAL A 202 -13.17 1.58 3.17
N LEU A 203 -11.85 1.44 3.18
CA LEU A 203 -11.01 2.18 2.21
C LEU A 203 -9.60 1.60 2.21
N GLU A 204 -8.89 1.79 1.10
CA GLU A 204 -7.50 1.32 0.99
C GLU A 204 -6.74 2.32 0.12
N TYR A 205 -5.50 2.61 0.49
CA TYR A 205 -4.67 3.52 -0.33
C TYR A 205 -3.20 3.17 -0.14
N HIS A 206 -2.35 3.81 -0.95
CA HIS A 206 -0.92 3.53 -0.94
C HIS A 206 -0.13 4.82 -0.75
N LEU A 207 0.67 4.87 0.32
CA LEU A 207 1.45 6.07 0.64
C LEU A 207 2.62 6.21 -0.32
N TRP A 208 3.07 7.46 -0.48
CA TRP A 208 4.31 7.80 -1.16
C TRP A 208 4.26 7.47 -2.63
N THR A 209 3.07 7.40 -3.20
CA THR A 209 2.84 7.20 -4.62
C THR A 209 2.34 8.48 -5.27
N LYS A 210 2.33 8.45 -6.62
CA LYS A 210 1.69 9.53 -7.36
C LYS A 210 0.20 9.65 -7.02
N GLN A 211 -0.46 8.53 -6.71
CA GLN A 211 -1.86 8.58 -6.29
C GLN A 211 -2.02 9.28 -4.94
N TRP A 212 -1.09 9.03 -4.03
CA TRP A 212 -1.11 9.72 -2.74
C TRP A 212 -0.94 11.24 -2.94
N THR A 213 0.05 11.64 -3.75
CA THR A 213 0.26 13.06 -4.02
C THR A 213 -1.00 13.70 -4.60
N ASP A 214 -1.67 13.02 -5.53
CA ASP A 214 -2.86 13.59 -6.16
C ASP A 214 -3.97 13.77 -5.15
N LEU A 215 -4.12 12.84 -4.19
CA LEU A 215 -5.15 13.00 -3.16
C LEU A 215 -4.87 14.24 -2.34
N LEU A 216 -3.61 14.38 -1.88
CA LEU A 216 -3.23 15.55 -1.11
C LEU A 216 -3.49 16.82 -1.90
N GLN A 217 -3.14 16.82 -3.19
CA GLN A 217 -3.25 18.04 -3.98
C GLN A 217 -4.70 18.44 -4.20
N ALA A 218 -5.66 17.56 -3.92
CA ALA A 218 -7.07 17.91 -4.02
C ALA A 218 -7.70 18.22 -2.66
N SER A 219 -6.91 18.25 -1.59
CA SER A 219 -7.39 18.34 -0.23
C SER A 219 -7.08 19.71 0.37
N LYS A 220 -7.50 19.90 1.62
CA LYS A 220 -7.14 21.06 2.41
C LYS A 220 -5.64 21.14 2.65
N PHE A 221 -4.92 20.04 2.43
CA PHE A 221 -3.48 19.99 2.67
C PHE A 221 -2.69 20.11 1.37
N SER A 222 -3.25 20.72 0.34
CA SER A 222 -2.55 20.79 -0.93
C SER A 222 -1.33 21.70 -0.84
N GLN A 223 -0.42 21.55 -1.81
CA GLN A 223 0.78 22.37 -1.81
C GLN A 223 0.45 23.85 -1.86
N ASP A 224 -0.62 24.21 -2.58
CA ASP A 224 -1.01 25.61 -2.69
C ASP A 224 -1.64 26.14 -1.40
N LYS A 225 -2.48 25.34 -0.73
CA LYS A 225 -3.21 25.83 0.43
C LYS A 225 -2.39 25.76 1.70
N TRP A 226 -1.54 24.75 1.86
CA TRP A 226 -0.87 24.49 3.14
C TRP A 226 0.46 23.85 2.87
N PRO A 227 1.43 24.64 2.43
CA PRO A 227 2.69 24.05 1.94
C PRO A 227 3.38 23.15 2.95
N LEU A 228 3.37 23.52 4.24
CA LEU A 228 4.04 22.67 5.23
C LEU A 228 3.32 21.34 5.38
N ALA A 229 1.99 21.35 5.47
CA ALA A 229 1.22 20.10 5.54
C ALA A 229 1.48 19.22 4.32
N PHE A 230 1.46 19.82 3.13
CA PHE A 230 1.76 19.02 1.94
C PHE A 230 3.11 18.33 2.06
N GLU A 231 4.13 19.09 2.46
CA GLU A 231 5.47 18.52 2.55
C GLU A 231 5.52 17.37 3.56
N LEU A 232 4.90 17.55 4.73
CA LEU A 232 4.91 16.50 5.74
C LEU A 232 4.14 15.26 5.30
N LEU A 233 2.92 15.45 4.82
CA LEU A 233 2.07 14.33 4.46
C LEU A 233 2.55 13.63 3.19
N ASN A 234 3.05 14.37 2.22
CA ASN A 234 3.55 13.73 1.01
C ASN A 234 4.68 12.76 1.33
N ASN A 235 5.53 13.07 2.33
CA ASN A 235 6.49 12.11 2.83
C ASN A 235 6.08 11.62 4.21
N CYS A 236 4.85 11.13 4.28
CA CYS A 236 4.25 10.74 5.55
C CYS A 236 5.17 9.84 6.38
N GLY A 237 5.32 10.20 7.66
CA GLY A 237 6.12 9.45 8.60
C GLY A 237 7.57 9.84 8.61
N GLY A 238 7.97 10.86 7.85
CA GLY A 238 9.34 11.31 7.84
C GLY A 238 10.32 10.35 7.18
N GLU A 239 11.60 10.64 7.40
CA GLU A 239 12.68 9.89 6.73
C GLU A 239 12.56 8.38 6.96
N ASN A 240 12.08 7.96 8.12
CA ASN A 240 11.97 6.54 8.47
C ASN A 240 10.56 6.00 8.35
N HIS A 241 9.62 6.77 7.82
CA HIS A 241 8.27 6.26 7.54
C HIS A 241 7.64 5.60 8.77
N GLU A 242 7.68 6.31 9.90
CA GLU A 242 7.07 5.80 11.13
C GLU A 242 6.50 6.97 11.92
N GLY A 243 5.64 6.67 12.88
CA GLY A 243 5.14 7.74 13.73
C GLY A 243 4.16 7.23 14.75
N PHE A 244 3.51 8.18 15.44
CA PHE A 244 2.68 7.85 16.59
C PHE A 244 1.23 7.62 16.16
N ILE A 245 0.56 6.79 16.93
CA ILE A 245 -0.89 6.67 16.97
C ILE A 245 -1.40 7.62 18.04
N GLY A 246 -2.57 8.23 17.81
CA GLY A 246 -3.08 9.19 18.78
C GLY A 246 -4.55 9.42 18.52
N MET A 247 -5.17 10.21 19.39
CA MET A 247 -6.59 10.57 19.28
C MET A 247 -6.76 12.07 19.45
N GLN A 248 -7.86 12.58 18.90
CA GLN A 248 -8.05 14.01 18.67
C GLN A 248 -8.86 14.68 19.78
N ASP A 249 -8.37 15.81 20.26
CA ASP A 249 -9.19 16.79 20.98
C ASP A 249 -9.87 17.66 19.93
N HIS A 250 -11.15 17.42 19.70
CA HIS A 250 -11.95 18.32 18.85
C HIS A 250 -13.10 18.88 19.68
N GLY A 251 -12.84 19.04 20.98
CA GLY A 251 -13.77 19.67 21.93
C GLY A 251 -14.98 18.87 22.34
N ASP A 252 -15.10 17.60 21.96
CA ASP A 252 -16.32 16.81 22.20
C ASP A 252 -16.02 15.56 23.03
N ASP A 253 -16.96 15.19 23.92
CA ASP A 253 -16.83 13.95 24.67
C ASP A 253 -16.71 12.78 23.72
N VAL A 254 -15.71 11.93 23.94
CA VAL A 254 -15.51 10.73 23.14
C VAL A 254 -14.84 9.71 24.05
N TRP A 255 -15.13 8.41 23.81
CA TRP A 255 -14.56 7.30 24.58
C TRP A 255 -13.80 6.34 23.67
N PHE A 256 -12.69 5.81 24.15
CA PHE A 256 -11.89 4.83 23.41
C PHE A 256 -11.56 3.66 24.32
N ARG A 257 -11.56 2.42 23.80
CA ARG A 257 -11.21 1.28 24.63
C ARG A 257 -10.69 0.13 23.79
N ASN A 258 -10.15 -0.88 24.47
CA ASN A 258 -9.67 -2.10 23.82
C ASN A 258 -8.66 -1.77 22.73
N ILE A 259 -7.64 -1.02 23.12
CA ILE A 259 -6.67 -0.43 22.21
C ILE A 259 -5.46 -1.36 22.12
N ARG A 260 -5.30 -1.97 20.95
CA ARG A 260 -4.35 -3.06 20.73
C ARG A 260 -3.65 -2.83 19.40
N VAL A 261 -2.35 -3.12 19.36
CA VAL A 261 -1.57 -2.95 18.14
C VAL A 261 -0.74 -4.22 17.92
N LYS A 262 -0.77 -4.74 16.70
CA LYS A 262 0.10 -5.82 16.28
C LYS A 262 1.18 -5.24 15.39
N VAL A 263 2.44 -5.51 15.72
CA VAL A 263 3.56 -5.12 14.86
C VAL A 263 3.68 -6.15 13.73
N LEU A 264 3.64 -5.68 12.47
CA LEU A 264 3.41 -6.64 11.37
C LEU A 264 4.64 -7.23 10.71
N ASP A 265 5.83 -6.72 11.02
CA ASP A 265 7.10 -7.22 10.47
C ASP A 265 8.15 -7.54 11.54
N ASN B 11 20.75 -24.05 -32.09
CA ASN B 11 21.08 -23.89 -30.67
C ASN B 11 20.78 -22.47 -30.17
N GLU B 12 20.69 -21.50 -31.06
CA GLU B 12 20.50 -20.10 -30.67
C GLU B 12 19.55 -19.43 -31.64
N VAL B 13 18.88 -18.37 -31.16
CA VAL B 13 17.94 -17.61 -31.99
CA VAL B 13 17.95 -17.61 -31.99
C VAL B 13 18.18 -16.14 -31.72
N ALA B 14 17.97 -15.32 -32.77
CA ALA B 14 18.09 -13.87 -32.64
C ALA B 14 16.80 -13.29 -32.05
N VAL B 15 16.95 -12.45 -31.01
CA VAL B 15 15.80 -11.90 -30.32
C VAL B 15 15.99 -10.40 -30.22
N SER B 16 15.09 -9.63 -30.84
CA SER B 16 15.19 -8.17 -30.86
C SER B 16 14.81 -7.58 -29.49
N TYR B 17 15.32 -6.39 -29.20
CA TYR B 17 14.97 -5.73 -27.96
C TYR B 17 15.13 -4.24 -28.13
N SER B 18 14.37 -3.49 -27.32
CA SER B 18 14.44 -2.03 -27.30
C SER B 18 15.28 -1.56 -26.11
N LYS B 19 15.89 -0.39 -26.27
CA LYS B 19 16.84 0.15 -25.30
C LYS B 19 16.30 1.27 -24.42
N SER B 20 15.15 1.86 -24.75
CA SER B 20 14.65 2.97 -23.95
C SER B 20 13.15 3.09 -24.15
N LEU B 21 12.54 4.04 -23.42
CA LEU B 21 11.09 4.21 -23.39
C LEU B 21 10.49 4.31 -24.79
N LYS B 22 9.63 3.35 -25.14
CA LYS B 22 8.85 3.34 -26.38
C LYS B 22 9.72 3.28 -27.63
N ALA B 23 10.99 2.89 -27.49
CA ALA B 23 11.83 2.84 -28.67
C ALA B 23 11.60 1.56 -29.47
N ALA B 24 12.02 1.58 -30.74
CA ALA B 24 11.95 0.41 -31.59
C ALA B 24 12.94 -0.68 -31.14
N GLU B 25 12.63 -1.94 -31.52
CA GLU B 25 13.49 -3.08 -31.21
C GLU B 25 14.53 -3.22 -32.32
N MET B 26 15.54 -2.34 -32.26
CA MET B 26 16.50 -2.17 -33.35
C MET B 26 17.78 -2.98 -33.16
N ASP B 27 17.92 -3.69 -32.04
CA ASP B 27 19.09 -4.51 -31.78
C ASP B 27 18.63 -5.92 -31.41
N SER B 28 19.53 -6.90 -31.52
CA SER B 28 19.17 -8.29 -31.27
CA SER B 28 19.16 -8.27 -31.24
C SER B 28 20.26 -8.96 -30.44
N LEU B 29 19.84 -9.96 -29.66
CA LEU B 29 20.71 -10.82 -28.89
C LEU B 29 20.59 -12.22 -29.47
N GLN B 30 21.70 -12.96 -29.45
CA GLN B 30 21.68 -14.39 -29.74
C GLN B 30 21.41 -15.12 -28.43
N LEU B 31 20.26 -15.78 -28.33
CA LEU B 31 19.89 -16.38 -27.06
C LEU B 31 19.72 -17.89 -27.23
N PRO B 32 20.07 -18.70 -26.24
CA PRO B 32 19.95 -20.17 -26.37
C PRO B 32 18.50 -20.60 -26.51
N VAL B 33 18.25 -21.61 -27.34
CA VAL B 33 16.92 -22.18 -27.45
C VAL B 33 17.05 -23.70 -27.36
N ASP B 34 16.15 -24.33 -26.62
CA ASP B 34 16.25 -25.78 -26.43
C ASP B 34 15.43 -26.53 -27.49
N ALA B 35 15.46 -27.87 -27.44
CA ALA B 35 14.84 -28.64 -28.50
C ALA B 35 13.34 -28.45 -28.56
N ASP B 36 12.72 -28.00 -27.46
CA ASP B 36 11.28 -27.79 -27.41
C ASP B 36 10.90 -26.35 -27.72
N GLY B 37 11.87 -25.50 -28.03
CA GLY B 37 11.59 -24.15 -28.42
C GLY B 37 11.61 -23.13 -27.31
N TYR B 38 12.01 -23.49 -26.09
CA TYR B 38 12.14 -22.49 -25.02
C TYR B 38 13.43 -21.71 -25.15
N ILE B 39 13.29 -20.37 -25.22
CA ILE B 39 14.41 -19.45 -25.29
C ILE B 39 14.75 -19.03 -23.87
N THR B 40 16.02 -19.15 -23.49
CA THR B 40 16.45 -18.67 -22.17
C THR B 40 16.71 -17.19 -22.26
N ILE B 41 15.89 -16.39 -21.56
CA ILE B 41 15.97 -14.95 -21.69
C ILE B 41 16.76 -14.29 -20.57
N PHE B 42 17.07 -15.02 -19.50
CA PHE B 42 18.00 -14.55 -18.48
C PHE B 42 19.15 -15.55 -18.43
N ASP B 43 20.37 -15.07 -18.61
CA ASP B 43 21.53 -15.97 -18.78
C ASP B 43 22.23 -16.28 -17.46
N GLY B 44 21.71 -15.79 -16.35
CA GLY B 44 22.31 -16.01 -15.07
C GLY B 44 23.46 -15.09 -14.72
N LYS B 45 23.91 -14.24 -15.66
CA LYS B 45 25.13 -13.45 -15.46
C LYS B 45 24.96 -11.97 -15.76
N THR B 46 24.12 -11.63 -16.75
CA THR B 46 23.98 -10.25 -17.23
C THR B 46 22.51 -9.88 -17.31
N PHE B 47 22.24 -8.57 -17.48
CA PHE B 47 20.89 -8.08 -17.73
C PHE B 47 20.65 -7.78 -19.21
N ASN B 48 21.39 -8.43 -20.12
CA ASN B 48 21.27 -8.11 -21.52
C ASN B 48 19.83 -8.27 -22.02
N GLY B 49 19.29 -7.21 -22.64
CA GLY B 49 17.91 -7.22 -23.09
C GLY B 49 16.91 -6.76 -22.05
N TRP B 50 17.32 -6.67 -20.78
CA TRP B 50 16.45 -6.22 -19.71
C TRP B 50 16.68 -4.73 -19.44
N ARG B 51 15.61 -4.04 -19.03
CA ARG B 51 15.75 -2.64 -18.64
C ARG B 51 14.60 -2.32 -17.70
N GLY B 52 14.73 -1.22 -16.95
CA GLY B 52 13.60 -0.78 -16.14
C GLY B 52 12.43 -0.31 -17.01
N TYR B 53 11.21 -0.58 -16.53
CA TYR B 53 10.02 -0.05 -17.20
C TYR B 53 10.14 1.48 -17.26
N GLY B 54 10.01 2.04 -18.47
CA GLY B 54 10.16 3.46 -18.70
C GLY B 54 11.58 4.00 -18.72
N LYS B 55 12.59 3.15 -18.60
CA LYS B 55 13.98 3.59 -18.43
C LYS B 55 14.86 3.05 -19.54
N ASP B 56 16.12 3.45 -19.53
CA ASP B 56 17.09 3.01 -20.57
C ASP B 56 18.21 2.25 -19.89
N ARG B 57 17.93 1.75 -18.70
CA ARG B 57 18.94 1.06 -17.88
C ARG B 57 18.25 0.19 -16.85
N VAL B 58 18.99 -0.73 -16.28
CA VAL B 58 18.43 -1.57 -15.19
C VAL B 58 18.62 -0.81 -13.89
N PRO B 59 17.54 -0.53 -13.13
CA PRO B 59 17.69 0.12 -11.83
C PRO B 59 18.63 -0.67 -10.91
N SER B 60 19.48 0.05 -10.15
CA SER B 60 20.51 -0.64 -9.35
C SER B 60 19.95 -1.47 -8.20
N LYS B 61 18.70 -1.29 -7.81
CA LYS B 61 18.10 -2.21 -6.83
C LYS B 61 17.84 -3.60 -7.39
N TRP B 62 17.93 -3.77 -8.71
CA TRP B 62 17.89 -5.10 -9.31
C TRP B 62 19.32 -5.61 -9.49
N THR B 63 19.63 -6.75 -8.88
CA THR B 63 20.98 -7.31 -9.00
C THR B 63 20.91 -8.75 -9.44
N ILE B 64 22.07 -9.32 -9.67
CA ILE B 64 22.22 -10.72 -10.05
C ILE B 64 22.99 -11.41 -8.94
N GLU B 65 22.38 -12.43 -8.34
CA GLU B 65 23.06 -13.15 -7.28
C GLU B 65 22.71 -14.63 -7.33
N ASP B 66 23.73 -15.47 -7.21
CA ASP B 66 23.54 -16.92 -7.26
C ASP B 66 22.74 -17.34 -8.48
N GLY B 67 22.95 -16.67 -9.61
CA GLY B 67 22.26 -17.05 -10.82
C GLY B 67 20.81 -16.63 -10.86
N CYS B 68 20.40 -15.70 -10.00
CA CYS B 68 19.03 -15.22 -9.92
C CYS B 68 19.00 -13.73 -10.22
N ILE B 69 17.87 -13.28 -10.76
CA ILE B 69 17.54 -11.87 -10.74
C ILE B 69 16.96 -11.59 -9.35
N LYS B 70 17.55 -10.64 -8.63
CA LYS B 70 17.11 -10.32 -7.27
C LYS B 70 16.64 -8.87 -7.20
N PHE B 71 15.50 -8.62 -6.57
CA PHE B 71 15.14 -7.25 -6.25
C PHE B 71 15.44 -7.00 -4.78
N ASN B 72 16.14 -5.88 -4.50
CA ASN B 72 16.58 -5.52 -3.15
C ASN B 72 15.63 -4.44 -2.63
N GLY B 73 14.63 -4.85 -1.87
CA GLY B 73 13.58 -3.92 -1.52
C GLY B 73 13.84 -3.19 -0.22
N SER B 74 13.37 -1.94 -0.14
CA SER B 74 13.51 -1.15 1.08
CA SER B 74 13.48 -1.11 1.05
C SER B 74 12.23 -1.09 1.91
N GLY B 75 11.16 -1.76 1.51
CA GLY B 75 9.98 -1.83 2.36
C GLY B 75 8.90 -0.80 2.13
N GLY B 76 8.89 -0.12 1.00
CA GLY B 76 7.94 0.95 0.73
C GLY B 76 6.75 0.60 -0.16
N GLY B 77 6.51 -0.69 -0.41
CA GLY B 77 5.33 -1.07 -1.19
C GLY B 77 5.37 -0.52 -2.60
N GLU B 78 4.30 0.17 -2.97
CA GLU B 78 4.22 0.79 -4.29
C GLU B 78 5.12 2.01 -4.45
N ALA B 79 5.82 2.43 -3.40
CA ALA B 79 6.52 3.71 -3.48
C ALA B 79 7.56 3.71 -4.59
N GLN B 80 8.25 2.60 -4.78
CA GLN B 80 9.32 2.51 -5.77
C GLN B 80 10.38 3.59 -5.51
N ASP B 81 10.78 3.71 -4.25
CA ASP B 81 11.75 4.73 -3.87
C ASP B 81 13.17 4.25 -4.18
N GLY B 82 14.13 5.16 -4.05
CA GLY B 82 15.48 4.77 -4.39
C GLY B 82 15.61 4.53 -5.90
N ASP B 83 16.63 3.76 -6.26
CA ASP B 83 16.85 3.44 -7.66
C ASP B 83 16.09 2.14 -8.02
N GLY B 84 14.76 2.22 -7.94
CA GLY B 84 13.94 1.05 -8.26
C GLY B 84 13.07 1.22 -9.49
N GLY B 85 11.84 0.70 -9.43
CA GLY B 85 10.97 0.60 -10.58
C GLY B 85 10.88 -0.83 -11.11
N ASP B 86 9.82 -1.11 -11.87
CA ASP B 86 9.65 -2.46 -12.38
C ASP B 86 10.67 -2.75 -13.50
N LEU B 87 10.88 -4.05 -13.73
CA LEU B 87 11.89 -4.53 -14.67
C LEU B 87 11.18 -5.25 -15.81
N ILE B 88 11.57 -4.97 -17.05
CA ILE B 88 11.02 -5.68 -18.20
C ILE B 88 12.14 -6.30 -19.02
N PHE B 89 11.81 -7.41 -19.67
CA PHE B 89 12.65 -7.93 -20.75
C PHE B 89 12.10 -7.26 -22.01
N ALA B 90 12.95 -6.51 -22.71
CA ALA B 90 12.43 -5.50 -23.62
C ALA B 90 12.19 -6.05 -25.02
N HIS B 91 11.47 -7.19 -25.10
CA HIS B 91 11.00 -7.76 -26.35
C HIS B 91 9.51 -8.00 -26.24
N LYS B 92 8.74 -7.45 -27.18
CA LYS B 92 7.30 -7.65 -27.17
C LYS B 92 6.97 -9.06 -27.65
N PHE B 93 6.25 -9.82 -26.82
CA PHE B 93 5.76 -11.14 -27.14
C PHE B 93 4.26 -11.08 -27.36
N LYS B 94 3.75 -12.00 -28.19
CA LYS B 94 2.33 -12.08 -28.51
C LYS B 94 1.77 -13.42 -28.04
N ASN B 95 2.09 -14.52 -28.71
CA ASN B 95 1.66 -15.87 -28.33
C ASN B 95 2.88 -16.59 -27.79
N PHE B 96 2.87 -16.91 -26.50
CA PHE B 96 4.10 -17.32 -25.84
C PHE B 96 3.73 -18.15 -24.63
N GLU B 97 4.70 -18.96 -24.17
CA GLU B 97 4.58 -19.60 -22.88
C GLU B 97 5.85 -19.29 -22.08
N LEU B 98 5.68 -18.58 -20.97
CA LEU B 98 6.77 -18.24 -20.07
C LEU B 98 6.80 -19.22 -18.90
N GLU B 99 8.02 -19.64 -18.54
CA GLU B 99 8.21 -20.47 -17.33
C GLU B 99 9.34 -19.83 -16.52
N MET B 100 9.14 -19.69 -15.22
CA MET B 100 10.24 -19.19 -14.37
C MET B 100 10.03 -19.65 -12.93
N GLU B 101 11.11 -19.62 -12.14
CA GLU B 101 10.98 -19.94 -10.70
C GLU B 101 11.02 -18.62 -9.92
N TRP B 102 10.28 -18.55 -8.83
CA TRP B 102 10.25 -17.34 -8.01
C TRP B 102 10.29 -17.71 -6.53
N LYS B 103 10.91 -16.86 -5.72
CA LYS B 103 10.99 -17.05 -4.28
C LYS B 103 10.77 -15.69 -3.63
N VAL B 104 9.89 -15.63 -2.65
CA VAL B 104 9.60 -14.33 -2.05
C VAL B 104 10.05 -14.33 -0.59
N SER B 105 10.50 -13.16 -0.11
CA SER B 105 10.89 -13.02 1.28
C SER B 105 9.63 -13.04 2.17
N LYS B 106 9.86 -13.24 3.47
CA LYS B 106 8.74 -13.29 4.40
C LYS B 106 7.93 -12.00 4.38
N GLY B 107 6.61 -12.12 4.26
CA GLY B 107 5.77 -10.95 4.20
C GLY B 107 5.93 -10.13 2.93
N GLY B 108 6.48 -10.71 1.85
CA GLY B 108 6.81 -9.97 0.66
C GLY B 108 5.78 -10.05 -0.46
N ASN B 109 5.95 -9.16 -1.43
CA ASN B 109 5.01 -9.00 -2.53
C ASN B 109 5.84 -8.64 -3.74
N SER B 110 5.57 -9.31 -4.87
CA SER B 110 6.07 -8.88 -6.16
C SER B 110 5.03 -9.30 -7.21
N GLY B 111 5.44 -9.54 -8.45
CA GLY B 111 4.50 -9.98 -9.47
C GLY B 111 5.22 -10.19 -10.77
N ILE B 112 4.59 -10.97 -11.65
CA ILE B 112 5.07 -11.19 -13.01
C ILE B 112 4.06 -10.57 -13.95
N PHE B 113 4.50 -9.57 -14.71
CA PHE B 113 3.62 -8.90 -15.67
C PHE B 113 3.77 -9.50 -17.05
N TYR B 114 2.71 -9.37 -17.85
CA TYR B 114 2.77 -9.81 -19.24
C TYR B 114 1.86 -8.93 -20.09
N LEU B 115 2.15 -8.91 -21.39
CA LEU B 115 1.47 -8.03 -22.37
C LEU B 115 1.58 -6.56 -21.98
N ALA B 116 2.66 -6.19 -21.30
CA ALA B 116 2.77 -4.83 -20.78
C ALA B 116 3.09 -3.82 -21.89
N GLN B 117 2.55 -2.61 -21.74
CA GLN B 117 2.88 -1.46 -22.58
C GLN B 117 3.52 -0.38 -21.73
N GLU B 118 4.46 0.36 -22.33
CA GLU B 118 5.03 1.54 -21.69
C GLU B 118 4.09 2.69 -22.04
N VAL B 119 3.43 3.24 -21.02
CA VAL B 119 2.31 4.14 -21.24
C VAL B 119 2.59 5.46 -20.53
N THR B 120 2.49 6.56 -21.25
CA THR B 120 2.50 7.88 -20.63
C THR B 120 1.16 8.58 -20.86
N SER B 121 0.83 9.48 -19.94
CA SER B 121 -0.31 10.36 -20.09
C SER B 121 0.20 11.81 -19.95
N LYS B 122 -0.65 12.78 -20.26
CA LYS B 122 -0.30 14.19 -20.20
C LYS B 122 -0.97 14.81 -18.97
N ASP B 123 -0.25 15.63 -18.21
CA ASP B 123 -0.89 16.30 -17.09
C ASP B 123 -1.55 17.58 -17.59
N LYS B 124 -2.09 18.39 -16.67
CA LYS B 124 -2.89 19.55 -17.09
C LYS B 124 -2.05 20.58 -17.84
N ASP B 125 -0.75 20.63 -17.58
CA ASP B 125 0.18 21.54 -18.22
C ASP B 125 0.87 20.94 -19.45
N GLY B 126 0.52 19.71 -19.85
CA GLY B 126 1.14 19.07 -21.00
C GLY B 126 2.42 18.32 -20.70
N ASN B 127 2.76 18.15 -19.43
CA ASN B 127 3.93 17.33 -19.12
C ASN B 127 3.56 15.86 -19.20
N ASP B 128 4.56 15.03 -19.46
CA ASP B 128 4.36 13.57 -19.46
C ASP B 128 4.26 13.01 -18.04
N VAL B 129 3.46 11.96 -17.90
CA VAL B 129 3.34 11.22 -16.65
C VAL B 129 3.46 9.74 -17.01
N LEU B 130 4.53 9.09 -16.55
CA LEU B 130 4.65 7.66 -16.78
C LEU B 130 3.63 6.93 -15.91
N GLU B 131 2.79 6.12 -16.51
CA GLU B 131 1.73 5.41 -15.80
C GLU B 131 2.25 4.06 -15.32
N PRO B 132 1.64 3.47 -14.28
CA PRO B 132 2.14 2.19 -13.75
C PRO B 132 2.04 1.10 -14.80
N ILE B 133 3.01 0.18 -14.74
CA ILE B 133 2.99 -0.96 -15.67
C ILE B 133 1.70 -1.74 -15.49
N TYR B 134 1.17 -1.78 -14.28
CA TYR B 134 0.04 -2.65 -13.98
C TYR B 134 -1.29 -2.12 -14.46
N ILE B 135 -1.36 -0.88 -14.98
CA ILE B 135 -2.63 -0.47 -15.59
C ILE B 135 -2.74 -0.86 -17.05
N SER B 136 -1.69 -1.43 -17.65
CA SER B 136 -1.80 -2.07 -18.97
C SER B 136 -1.53 -3.56 -18.93
N ALA B 137 -0.82 -4.06 -17.93
CA ALA B 137 -0.35 -5.45 -17.90
C ALA B 137 -1.11 -6.29 -16.89
N PRO B 138 -1.77 -7.39 -17.31
CA PRO B 138 -2.24 -8.38 -16.34
C PRO B 138 -1.07 -8.82 -15.47
N GLU B 139 -1.34 -9.07 -14.19
CA GLU B 139 -0.29 -9.46 -13.27
C GLU B 139 -0.56 -10.85 -12.72
N TYR B 140 0.45 -11.70 -12.77
CA TYR B 140 0.49 -12.94 -11.99
C TYR B 140 1.07 -12.53 -10.64
N GLN B 141 0.26 -12.59 -9.58
CA GLN B 141 0.69 -12.12 -8.26
C GLN B 141 1.80 -13.00 -7.69
N VAL B 142 2.76 -12.37 -7.01
CA VAL B 142 3.79 -13.09 -6.26
C VAL B 142 3.68 -12.62 -4.81
N LEU B 143 3.51 -13.56 -3.88
CA LEU B 143 3.12 -13.14 -2.55
C LEU B 143 3.48 -14.19 -1.51
N ASP B 144 3.81 -13.73 -0.31
CA ASP B 144 3.81 -14.60 0.87
C ASP B 144 2.35 -14.67 1.31
N ASN B 145 1.65 -15.75 0.98
CA ASN B 145 0.22 -15.85 1.28
C ASN B 145 -0.08 -15.94 2.77
N ASP B 146 0.90 -16.27 3.59
CA ASP B 146 0.64 -16.37 5.03
C ASP B 146 0.89 -15.09 5.81
N ASN B 147 1.73 -14.17 5.31
CA ASN B 147 2.08 -13.00 6.11
C ASN B 147 1.86 -11.64 5.43
N HIS B 148 1.59 -11.60 4.13
CA HIS B 148 1.28 -10.30 3.55
C HIS B 148 -0.23 -10.05 3.63
N PRO B 149 -0.65 -8.87 4.10
CA PRO B 149 -2.10 -8.63 4.29
C PRO B 149 -2.91 -8.67 3.00
N ASP B 150 -2.27 -8.47 1.85
CA ASP B 150 -2.96 -8.60 0.57
C ASP B 150 -3.65 -9.96 0.46
N ALA B 151 -3.08 -10.98 1.12
CA ALA B 151 -3.69 -12.31 1.06
C ALA B 151 -5.11 -12.32 1.60
N LYS B 152 -5.47 -11.38 2.48
CA LYS B 152 -6.83 -11.35 3.01
C LYS B 152 -7.70 -10.28 2.38
N LEU B 153 -7.18 -9.51 1.42
CA LEU B 153 -7.94 -8.43 0.80
C LEU B 153 -8.55 -8.93 -0.54
N GLY B 154 -9.21 -8.02 -1.26
CA GLY B 154 -9.83 -8.49 -2.49
C GLY B 154 -11.02 -9.39 -2.19
N LYS B 155 -11.23 -10.38 -3.07
CA LYS B 155 -12.41 -11.21 -3.06
C LYS B 155 -12.04 -12.65 -3.41
N ASP B 156 -12.48 -13.61 -2.60
CA ASP B 156 -12.24 -15.05 -2.89
C ASP B 156 -10.77 -15.36 -3.09
N ASN B 157 -9.93 -14.67 -2.35
CA ASN B 157 -8.48 -14.90 -2.39
C ASN B 157 -7.86 -14.51 -3.72
N ASN B 158 -8.43 -13.54 -4.43
CA ASN B 158 -7.92 -13.21 -5.75
C ASN B 158 -6.71 -12.25 -5.70
N ARG B 159 -6.07 -12.02 -4.54
CA ARG B 159 -4.81 -11.30 -4.48
C ARG B 159 -3.68 -12.18 -3.93
N GLN B 160 -3.91 -13.50 -3.84
CA GLN B 160 -2.92 -14.47 -3.43
C GLN B 160 -2.07 -14.87 -4.64
N SER B 161 -0.95 -15.53 -4.35
CA SER B 161 0.04 -15.84 -5.39
C SER B 161 -0.56 -16.64 -6.54
N ALA B 162 -0.08 -16.34 -7.75
CA ALA B 162 -0.51 -16.89 -9.05
C ALA B 162 -1.92 -16.47 -9.46
N SER B 163 -2.66 -15.73 -8.63
CA SER B 163 -3.88 -15.08 -9.09
C SER B 163 -3.61 -14.13 -10.25
N LEU B 164 -4.65 -13.91 -11.05
CA LEU B 164 -4.70 -12.75 -11.90
C LEU B 164 -5.15 -11.63 -10.97
N TYR B 165 -4.23 -10.73 -10.62
CA TYR B 165 -4.42 -9.83 -9.47
C TYR B 165 -5.76 -9.09 -9.51
N ASP B 166 -6.54 -9.25 -8.43
CA ASP B 166 -7.83 -8.60 -8.22
C ASP B 166 -8.91 -9.07 -9.17
N MET B 167 -8.70 -10.18 -9.91
CA MET B 167 -9.73 -10.64 -10.82
C MET B 167 -10.01 -12.13 -10.74
N ILE B 168 -8.98 -12.97 -10.75
CA ILE B 168 -9.23 -14.41 -10.72
C ILE B 168 -8.31 -15.08 -9.72
N PRO B 169 -8.83 -15.79 -8.73
CA PRO B 169 -7.94 -16.45 -7.76
C PRO B 169 -7.33 -17.71 -8.35
N ALA B 170 -6.12 -18.03 -7.89
CA ALA B 170 -5.50 -19.31 -8.20
C ALA B 170 -6.23 -20.43 -7.45
N VAL B 171 -6.69 -21.43 -8.17
CA VAL B 171 -7.36 -22.61 -7.61
C VAL B 171 -6.84 -23.85 -8.34
N PRO B 172 -6.12 -24.75 -7.67
CA PRO B 172 -5.81 -24.72 -6.23
C PRO B 172 -4.76 -23.68 -5.84
N GLN B 173 -4.84 -23.17 -4.62
CA GLN B 173 -3.79 -22.32 -4.08
C GLN B 173 -2.69 -23.23 -3.53
N ASN B 174 -1.80 -23.67 -4.41
CA ASN B 174 -0.79 -24.66 -4.05
C ASN B 174 0.60 -24.05 -3.81
N ALA B 175 0.67 -22.78 -3.45
CA ALA B 175 1.99 -22.17 -3.30
C ALA B 175 2.77 -22.83 -2.16
N LYS B 176 4.07 -22.80 -2.28
CA LYS B 176 4.96 -23.11 -1.17
C LYS B 176 5.16 -21.88 -0.31
N PRO B 177 5.54 -22.05 0.96
CA PRO B 177 5.65 -20.89 1.86
C PRO B 177 6.83 -19.99 1.48
N PHE B 178 6.91 -18.85 2.18
CA PHE B 178 7.95 -17.88 1.87
C PHE B 178 9.33 -18.50 2.01
N GLY B 179 10.28 -17.98 1.24
CA GLY B 179 11.60 -18.52 1.25
C GLY B 179 11.78 -19.80 0.46
N GLU B 180 10.70 -20.34 -0.10
CA GLU B 180 10.75 -21.52 -0.95
C GLU B 180 10.55 -21.16 -2.42
N TRP B 181 11.16 -21.95 -3.30
CA TRP B 181 11.03 -21.74 -4.73
C TRP B 181 9.68 -22.26 -5.19
N ASN B 182 8.95 -21.42 -5.92
CA ASN B 182 7.75 -21.80 -6.63
C ASN B 182 8.03 -21.73 -8.12
N LYS B 183 7.30 -22.54 -8.91
CA LYS B 183 7.42 -22.50 -10.37
C LYS B 183 6.20 -21.77 -10.95
N ALA B 184 6.44 -20.76 -11.79
CA ALA B 184 5.35 -20.06 -12.47
C ALA B 184 5.30 -20.43 -13.96
N LYS B 185 4.08 -20.50 -14.50
CA LYS B 185 3.87 -20.62 -15.93
C LYS B 185 2.83 -19.61 -16.34
N ILE B 186 3.10 -18.87 -17.41
CA ILE B 186 2.11 -17.98 -18.00
C ILE B 186 2.07 -18.31 -19.47
N MET B 187 0.90 -18.71 -19.95
CA MET B 187 0.73 -18.99 -21.36
C MET B 187 -0.31 -18.05 -21.93
N VAL B 188 0.01 -17.42 -23.04
CA VAL B 188 -0.94 -16.58 -23.76
C VAL B 188 -0.95 -17.11 -25.18
N TYR B 189 -2.10 -17.60 -25.63
CA TYR B 189 -2.17 -18.14 -26.99
C TYR B 189 -3.48 -17.70 -27.63
N LYS B 190 -3.37 -16.76 -28.57
CA LYS B 190 -4.51 -16.22 -29.31
C LYS B 190 -5.68 -15.91 -28.38
N GLY B 191 -5.36 -15.24 -27.28
CA GLY B 191 -6.36 -14.75 -26.36
C GLY B 191 -6.63 -15.66 -25.18
N THR B 192 -6.32 -16.96 -25.29
CA THR B 192 -6.47 -17.88 -24.18
C THR B 192 -5.28 -17.73 -23.25
N VAL B 193 -5.54 -17.52 -21.96
CA VAL B 193 -4.48 -17.30 -20.98
C VAL B 193 -4.59 -18.37 -19.89
N VAL B 194 -3.47 -18.96 -19.53
CA VAL B 194 -3.43 -19.91 -18.42
C VAL B 194 -2.32 -19.47 -17.47
N HIS B 195 -2.59 -19.55 -16.17
CA HIS B 195 -1.55 -19.41 -15.14
C HIS B 195 -1.29 -20.78 -14.57
N GLY B 196 -0.01 -21.10 -14.38
CA GLY B 196 0.37 -22.32 -13.68
C GLY B 196 1.14 -21.95 -12.43
N GLN B 197 1.00 -22.77 -11.39
CA GLN B 197 1.81 -22.62 -10.20
C GLN B 197 2.19 -24.03 -9.75
N ASN B 198 3.50 -24.27 -9.59
CA ASN B 198 4.02 -25.57 -9.14
C ASN B 198 3.43 -26.73 -9.94
N ASP B 199 3.46 -26.58 -11.26
CA ASP B 199 3.11 -27.62 -12.23
C ASP B 199 1.63 -27.96 -12.24
N GLU B 200 0.76 -27.09 -11.75
CA GLU B 200 -0.68 -27.24 -11.92
CA GLU B 200 -0.68 -27.23 -11.91
C GLU B 200 -1.22 -25.98 -12.58
N ASN B 201 -2.21 -26.13 -13.46
CA ASN B 201 -2.91 -24.96 -14.00
C ASN B 201 -3.86 -24.45 -12.93
N VAL B 202 -3.76 -23.17 -12.57
CA VAL B 202 -4.57 -22.66 -11.47
C VAL B 202 -5.64 -21.68 -11.91
N LEU B 203 -5.61 -21.24 -13.15
CA LEU B 203 -6.69 -20.38 -13.69
C LEU B 203 -6.61 -20.32 -15.22
N GLU B 204 -7.72 -19.96 -15.85
CA GLU B 204 -7.78 -19.93 -17.32
C GLU B 204 -8.84 -18.89 -17.71
N TYR B 205 -8.50 -18.03 -18.66
CA TYR B 205 -9.45 -16.99 -19.09
C TYR B 205 -9.21 -16.62 -20.56
N HIS B 206 -10.11 -15.81 -21.10
CA HIS B 206 -10.05 -15.41 -22.51
C HIS B 206 -10.07 -13.89 -22.61
N LEU B 207 -8.99 -13.32 -23.17
CA LEU B 207 -8.85 -11.88 -23.33
C LEU B 207 -9.81 -11.35 -24.39
N TRP B 208 -10.21 -10.08 -24.25
CA TRP B 208 -10.96 -9.38 -25.29
C TRP B 208 -12.35 -9.95 -25.49
N THR B 209 -12.88 -10.61 -24.48
CA THR B 209 -14.23 -11.13 -24.51
C THR B 209 -15.12 -10.35 -23.56
N LYS B 210 -16.41 -10.68 -23.62
CA LYS B 210 -17.33 -10.14 -22.62
C LYS B 210 -16.95 -10.59 -21.21
N GLN B 211 -16.48 -11.83 -21.04
CA GLN B 211 -15.99 -12.27 -19.74
C GLN B 211 -14.82 -11.40 -19.25
N TRP B 212 -13.95 -11.01 -20.16
CA TRP B 212 -12.80 -10.19 -19.80
C TRP B 212 -13.26 -8.82 -19.31
N THR B 213 -14.14 -8.17 -20.06
CA THR B 213 -14.69 -6.89 -19.63
C THR B 213 -15.37 -7.01 -18.27
N ASP B 214 -16.14 -8.06 -18.07
CA ASP B 214 -16.83 -8.21 -16.79
C ASP B 214 -15.85 -8.36 -15.63
N LEU B 215 -14.75 -9.09 -15.83
CA LEU B 215 -13.74 -9.16 -14.78
C LEU B 215 -13.20 -7.77 -14.46
N LEU B 216 -12.88 -7.00 -15.51
CA LEU B 216 -12.31 -5.67 -15.28
C LEU B 216 -13.30 -4.77 -14.55
N GLN B 217 -14.57 -4.82 -14.94
CA GLN B 217 -15.56 -3.95 -14.33
C GLN B 217 -15.85 -4.31 -12.89
N ALA B 218 -15.43 -5.48 -12.42
CA ALA B 218 -15.55 -5.85 -11.02
C ALA B 218 -14.27 -5.55 -10.23
N SER B 219 -13.25 -4.99 -10.85
CA SER B 219 -11.92 -4.86 -10.25
C SER B 219 -11.61 -3.39 -9.94
N LYS B 220 -10.39 -3.18 -9.39
CA LYS B 220 -9.84 -1.86 -9.16
C LYS B 220 -9.58 -1.13 -10.47
N PHE B 221 -9.65 -1.83 -11.60
CA PHE B 221 -9.41 -1.24 -12.90
C PHE B 221 -10.70 -0.99 -13.68
N SER B 222 -11.83 -0.90 -13.00
CA SER B 222 -13.09 -0.74 -13.70
C SER B 222 -13.16 0.61 -14.40
N GLN B 223 -14.06 0.71 -15.38
CA GLN B 223 -14.24 1.96 -16.12
C GLN B 223 -14.60 3.11 -15.19
N ASP B 224 -15.29 2.83 -14.09
CA ASP B 224 -15.67 3.89 -13.17
C ASP B 224 -14.52 4.28 -12.25
N LYS B 225 -13.74 3.31 -11.78
CA LYS B 225 -12.70 3.59 -10.80
C LYS B 225 -11.40 4.08 -11.44
N TRP B 226 -11.08 3.63 -12.65
CA TRP B 226 -9.79 3.94 -13.27
C TRP B 226 -9.94 3.90 -14.77
N PRO B 227 -10.50 4.95 -15.36
CA PRO B 227 -10.85 4.90 -16.78
C PRO B 227 -9.68 4.58 -17.69
N LEU B 228 -8.48 5.12 -17.39
CA LEU B 228 -7.33 4.83 -18.25
C LEU B 228 -6.97 3.35 -18.19
N ALA B 229 -6.98 2.77 -16.98
CA ALA B 229 -6.63 1.36 -16.81
C ALA B 229 -7.63 0.47 -17.51
N PHE B 230 -8.92 0.78 -17.38
CA PHE B 230 -9.92 -0.01 -18.07
C PHE B 230 -9.69 0.01 -19.57
N GLU B 231 -9.40 1.18 -20.13
CA GLU B 231 -9.18 1.30 -21.56
C GLU B 231 -7.99 0.48 -22.03
N LEU B 232 -6.88 0.57 -21.30
CA LEU B 232 -5.70 -0.20 -21.67
C LEU B 232 -5.94 -1.70 -21.54
N LEU B 233 -6.45 -2.13 -20.40
CA LEU B 233 -6.60 -3.56 -20.12
C LEU B 233 -7.73 -4.18 -20.96
N ASN B 234 -8.82 -3.45 -21.20
CA ASN B 234 -9.88 -4.02 -22.03
C ASN B 234 -9.39 -4.34 -23.44
N ASN B 235 -8.47 -3.53 -23.97
CA ASN B 235 -7.84 -3.88 -25.23
C ASN B 235 -6.42 -4.34 -24.97
N CYS B 236 -6.25 -5.32 -24.08
CA CYS B 236 -4.94 -5.71 -23.58
C CYS B 236 -3.93 -5.93 -24.70
N GLY B 237 -2.75 -5.34 -24.54
CA GLY B 237 -1.69 -5.50 -25.52
C GLY B 237 -1.74 -4.48 -26.64
N GLY B 238 -2.69 -3.58 -26.62
CA GLY B 238 -2.73 -2.56 -27.65
C GLY B 238 -3.20 -3.11 -28.98
N GLU B 239 -3.02 -2.28 -30.02
CA GLU B 239 -3.47 -2.60 -31.37
C GLU B 239 -2.97 -3.95 -31.85
N ASN B 240 -1.71 -4.29 -31.54
CA ASN B 240 -1.15 -5.55 -32.02
C ASN B 240 -1.24 -6.70 -31.02
N HIS B 241 -1.88 -6.50 -29.88
CA HIS B 241 -2.08 -7.55 -28.87
C HIS B 241 -0.77 -8.22 -28.45
N GLU B 242 0.21 -7.39 -28.08
CA GLU B 242 1.52 -7.90 -27.70
C GLU B 242 2.10 -6.97 -26.63
N GLY B 243 3.14 -7.43 -25.95
CA GLY B 243 3.81 -6.56 -25.00
C GLY B 243 4.83 -7.33 -24.19
N PHE B 244 5.34 -6.65 -23.16
CA PHE B 244 6.49 -7.12 -22.42
C PHE B 244 6.10 -8.03 -21.27
N ILE B 245 6.99 -8.97 -20.98
CA ILE B 245 7.05 -9.68 -19.70
C ILE B 245 7.95 -8.88 -18.75
N GLY B 246 7.65 -8.90 -17.47
CA GLY B 246 8.45 -8.13 -16.53
C GLY B 246 8.15 -8.57 -15.12
N MET B 247 8.86 -7.97 -14.18
CA MET B 247 8.69 -8.33 -12.77
C MET B 247 8.57 -7.05 -11.94
N GLN B 248 7.90 -7.15 -10.79
CA GLN B 248 7.44 -5.99 -10.03
C GLN B 248 8.38 -5.57 -8.90
N ASP B 249 8.67 -4.27 -8.84
CA ASP B 249 9.21 -3.68 -7.63
C ASP B 249 8.01 -3.31 -6.77
N HIS B 250 7.78 -4.08 -5.71
CA HIS B 250 6.81 -3.73 -4.67
C HIS B 250 7.52 -3.61 -3.34
N GLY B 251 8.80 -3.21 -3.39
CA GLY B 251 9.58 -2.84 -2.21
C GLY B 251 10.08 -4.00 -1.37
N ASP B 252 9.95 -5.25 -1.83
CA ASP B 252 10.33 -6.43 -1.05
C ASP B 252 11.36 -7.28 -1.77
N ASP B 253 12.25 -7.91 -0.99
CA ASP B 253 13.20 -8.87 -1.55
C ASP B 253 12.46 -10.02 -2.24
N VAL B 254 12.85 -10.30 -3.49
CA VAL B 254 12.27 -11.40 -4.26
C VAL B 254 13.34 -11.87 -5.24
N TRP B 255 13.28 -13.17 -5.59
CA TRP B 255 14.28 -13.77 -6.47
C TRP B 255 13.59 -14.48 -7.64
N PHE B 256 14.17 -14.36 -8.83
CA PHE B 256 13.65 -15.04 -10.01
C PHE B 256 14.77 -15.75 -10.73
N ARG B 257 14.50 -16.95 -11.25
CA ARG B 257 15.56 -17.65 -11.98
C ARG B 257 14.96 -18.60 -13.01
N ASN B 258 15.84 -19.14 -13.84
CA ASN B 258 15.46 -20.13 -14.87
C ASN B 258 14.28 -19.62 -15.69
N ILE B 259 14.50 -18.44 -16.27
CA ILE B 259 13.46 -17.68 -16.99
C ILE B 259 13.55 -18.02 -18.48
N ARG B 260 12.53 -18.67 -19.01
CA ARG B 260 12.59 -19.05 -20.42
C ARG B 260 11.21 -18.88 -21.04
N VAL B 261 11.18 -18.63 -22.35
CA VAL B 261 9.96 -18.32 -23.07
C VAL B 261 9.94 -19.09 -24.37
N LYS B 262 8.84 -19.78 -24.65
CA LYS B 262 8.64 -20.42 -25.94
C LYS B 262 7.67 -19.57 -26.74
N VAL B 263 8.07 -19.21 -27.96
CA VAL B 263 7.17 -18.52 -28.88
C VAL B 263 6.28 -19.55 -29.55
N LEU B 264 4.96 -19.37 -29.45
CA LEU B 264 4.04 -20.46 -29.73
C LEU B 264 3.48 -20.50 -31.14
N ASP B 265 3.93 -19.63 -32.04
CA ASP B 265 3.44 -19.59 -33.42
C ASP B 265 4.55 -19.12 -34.39
C1 GOL C . -4.66 27.48 7.63
O1 GOL C . -6.01 27.28 7.27
C2 GOL C . -3.87 27.62 6.32
O2 GOL C . -3.95 28.92 5.84
C3 GOL C . -2.42 27.24 6.70
O3 GOL C . -1.55 28.16 6.07
C1 EDO D . 7.21 23.55 3.14
O1 EDO D . 8.29 23.25 2.25
C2 EDO D . 7.62 24.65 4.11
O2 EDO D . 6.91 25.86 3.79
CA CA E . -11.82 14.83 13.46
C4 A1H2X F . -8.27 18.55 10.93
C7 A1H2X F . -11.64 20.08 11.02
C11 A1H2X F . -11.96 17.66 11.61
C2 A1H2X F . -10.49 17.42 11.32
C3 A1H2X F . -9.70 18.71 11.42
C9 A1H2X F . -12.59 18.89 10.98
O1 A1H2X F . -10.00 16.44 12.24
O10 A1H2X F . -13.82 19.18 11.62
O12 A1H2X F . -12.61 16.84 12.22
O5 A1H2X F . -8.21 18.24 9.54
O6 A1H2X F . -10.32 19.71 10.59
O8 A1H2X F . -11.59 20.69 12.31
C1 EDO G . -13.54 -16.76 -17.92
O1 EDO G . -13.70 -15.38 -17.57
C2 EDO G . -13.58 -16.86 -19.44
O2 EDO G . -12.82 -15.76 -19.98
C1 EDO H . -6.99 7.54 -10.01
O1 EDO H . -7.78 6.47 -10.48
C2 EDO H . -5.94 6.58 -9.53
O2 EDO H . -6.73 5.56 -8.92
CA CA I . 2.11 -7.71 -6.70
C4 A1H2X J . -1.08 -3.36 -8.54
C7 A1H2X J . -1.25 -3.37 -4.88
C11 A1H2X J . -0.30 -5.60 -5.53
C2 A1H2X J . -0.54 -5.25 -6.97
C3 A1H2X J . -0.65 -3.74 -7.15
C9 A1H2X J . -1.14 -4.85 -4.50
O1 A1H2X J . 0.58 -5.68 -7.71
O10 A1H2X J . -0.57 -5.03 -3.22
O12 A1H2X J . 0.44 -6.51 -5.20
O5 A1H2X J . -2.40 -3.78 -8.85
O6 A1H2X J . -1.61 -3.18 -6.24
O8 A1H2X J . -0.04 -2.71 -4.64
#